data_5XTS
#
_entry.id   5XTS
#
_cell.length_a   60.256
_cell.length_b   101.697
_cell.length_c   123.464
_cell.angle_alpha   90.00
_cell.angle_beta   90.00
_cell.angle_gamma   90.00
#
_symmetry.space_group_name_H-M   'P 21 21 21'
#
loop_
_entity.id
_entity.type
_entity.pdbx_description
1 polymer 'Macrophage mannose receptor 1'
2 non-polymer 'CALCIUM ION'
3 water water
#
_entity_poly.entity_id   1
_entity_poly.type   'polypeptide(L)'
_entity_poly.pdbx_seq_one_letter_code
;TRQFLIYNEDHKRCVDAVSPSAVQTAACNQDAESQKFRWVSESQIMSVAFKLCLGVPSKTDWVAITLYACDSKSEFQKWE
CKNDTLLGIKGEDLFFNYGNRQEKNIMLYKGSGLWSRWKIYGTTDNLCSRGYEAMYTLLGNANGATCAFPFKFENKWYAD
CTSAGRSDGWLWCGTTTDYDTDKLFGYCPLKFEGSESLWNKDPLTSVSYQINSKSALTWHQARKSCQQQNAELLSITEIH
EQTYLTGLTSSLTSGLWIGLNSLSFNSGWQWSDRSPFRYLNWLPGSPSAEPGKSCVSLNPGKNAKWENLECVQKLGYICK
KGNTTLNSFVIPSESDVPTHCPSQWWPYAGHCYKIHRDEKKIQRDALTTCRKEGGDLTSIHTIEELDFIISQLGYEPNDE
LWIGLNDIKIQMYFEWSDGTPVTFTKWLRGEPSHENNRQEDCVVMKGKDGYWADRGCEWPLGYICKMKSRSQGPEIVEVE
KGCRKGWKKHHFYCYMIGHTLSTFAEANQTCNNENAYLTTIEDRYEQAFLTSFVGLRPEKYFWTGLSDIQTKGTFQWTIE
EEVRFTHWNSDMPGRKPGCVAMRTGIAGGLWDVLKCDEKAKFVCKHWAHHHHHH
;
_entity_poly.pdbx_strand_id   A
#
loop_
_chem_comp.id
_chem_comp.type
_chem_comp.name
_chem_comp.formula
CA non-polymer 'CALCIUM ION' 'Ca 2'
#
# COMPACT_ATOMS: atom_id res chain seq x y z
N THR A 1 -11.46 -14.61 0.50
CA THR A 1 -11.41 -13.22 0.97
C THR A 1 -12.18 -12.31 0.02
N ARG A 2 -12.17 -12.62 -1.27
CA ARG A 2 -12.79 -11.81 -2.30
C ARG A 2 -13.99 -12.50 -2.95
N GLN A 3 -14.44 -13.62 -2.41
CA GLN A 3 -15.75 -14.16 -2.73
C GLN A 3 -16.69 -13.85 -1.56
N PHE A 4 -17.94 -13.56 -1.89
CA PHE A 4 -18.88 -13.13 -0.88
C PHE A 4 -20.27 -13.65 -1.20
N LEU A 5 -21.06 -13.78 -0.14
CA LEU A 5 -22.50 -13.96 -0.26
C LEU A 5 -23.18 -12.60 -0.24
N ILE A 6 -24.31 -12.53 -0.93
CA ILE A 6 -25.08 -11.31 -1.09
C ILE A 6 -26.31 -11.44 -0.20
N TYR A 7 -26.39 -10.62 0.84
CA TYR A 7 -27.30 -10.82 1.95
C TYR A 7 -28.31 -9.68 2.06
N ASN A 8 -29.58 -10.02 2.22
CA ASN A 8 -30.62 -9.04 2.52
C ASN A 8 -31.03 -9.12 3.99
N GLU A 9 -30.76 -8.04 4.73
CA GLU A 9 -31.03 -8.03 6.17
C GLU A 9 -32.49 -8.27 6.50
N ASP A 10 -33.42 -7.67 5.76
CA ASP A 10 -34.81 -7.75 6.14
C ASP A 10 -35.38 -9.14 5.93
N HIS A 11 -35.05 -9.77 4.79
CA HIS A 11 -35.48 -11.15 4.55
C HIS A 11 -34.62 -12.17 5.27
N LYS A 12 -33.40 -11.80 5.64
CA LYS A 12 -32.46 -12.76 6.25
C LYS A 12 -32.18 -13.92 5.30
N ARG A 13 -32.05 -13.61 4.01
CA ARG A 13 -31.75 -14.59 2.98
C ARG A 13 -30.62 -14.07 2.10
N CYS A 14 -29.96 -14.99 1.40
CA CYS A 14 -28.85 -14.71 0.52
C CYS A 14 -29.22 -15.06 -0.91
N VAL A 15 -28.59 -14.38 -1.87
CA VAL A 15 -28.80 -14.68 -3.28
C VAL A 15 -28.28 -16.09 -3.57
N ASP A 16 -29.01 -16.82 -4.41
CA ASP A 16 -28.63 -18.19 -4.78
C ASP A 16 -28.82 -18.34 -6.28
N ALA A 17 -27.73 -18.64 -6.99
CA ALA A 17 -27.80 -18.93 -8.42
C ALA A 17 -28.28 -20.36 -8.61
N VAL A 18 -29.51 -20.52 -9.08
CA VAL A 18 -30.09 -21.84 -9.31
C VAL A 18 -29.71 -22.36 -10.69
N SER A 19 -29.75 -21.49 -11.69
CA SER A 19 -29.36 -21.81 -13.06
C SER A 19 -29.03 -20.51 -13.76
N PRO A 20 -28.51 -20.58 -14.99
CA PRO A 20 -28.25 -19.32 -15.71
C PRO A 20 -29.49 -18.45 -15.85
N SER A 21 -30.67 -19.07 -15.86
CA SER A 21 -31.92 -18.35 -16.03
C SER A 21 -32.71 -18.22 -14.73
N ALA A 22 -32.14 -18.63 -13.60
CA ALA A 22 -32.84 -18.59 -12.32
C ALA A 22 -31.86 -18.14 -11.24
N VAL A 23 -31.93 -16.86 -10.88
CA VAL A 23 -31.18 -16.31 -9.76
C VAL A 23 -32.21 -15.99 -8.68
N GLN A 24 -32.15 -16.72 -7.58
CA GLN A 24 -33.17 -16.61 -6.54
C GLN A 24 -32.53 -16.34 -5.18
N THR A 25 -33.19 -16.75 -4.11
CA THR A 25 -32.66 -16.59 -2.77
C THR A 25 -32.83 -17.90 -2.01
N ALA A 26 -32.05 -18.03 -0.95
CA ALA A 26 -32.10 -19.21 -0.10
C ALA A 26 -31.60 -18.83 1.28
N ALA A 27 -31.88 -19.67 2.26
CA ALA A 27 -31.22 -19.57 3.55
C ALA A 27 -29.71 -19.54 3.32
N CYS A 28 -29.04 -18.60 3.97
CA CYS A 28 -27.63 -18.37 3.71
C CYS A 28 -26.80 -19.60 4.07
N ASN A 29 -25.84 -19.92 3.20
CA ASN A 29 -24.99 -21.09 3.40
C ASN A 29 -23.61 -20.72 2.89
N GLN A 30 -22.68 -20.44 3.81
CA GLN A 30 -21.35 -19.99 3.42
C GLN A 30 -20.56 -21.04 2.66
N ASP A 31 -21.01 -22.30 2.63
CA ASP A 31 -20.32 -23.34 1.88
C ASP A 31 -20.89 -23.53 0.49
N ALA A 32 -22.09 -23.03 0.23
CA ALA A 32 -22.75 -23.27 -1.05
C ALA A 32 -22.07 -22.45 -2.14
N GLU A 33 -21.48 -23.13 -3.12
CA GLU A 33 -20.83 -22.41 -4.21
C GLU A 33 -21.83 -21.58 -5.01
N SER A 34 -23.09 -22.01 -5.06
CA SER A 34 -24.10 -21.28 -5.81
C SER A 34 -24.47 -19.96 -5.16
N GLN A 35 -24.11 -19.73 -3.90
CA GLN A 35 -24.35 -18.48 -3.22
C GLN A 35 -23.14 -17.56 -3.25
N LYS A 36 -22.05 -17.97 -3.88
CA LYS A 36 -20.82 -17.20 -3.88
C LYS A 36 -20.70 -16.36 -5.13
N PHE A 37 -20.29 -15.11 -4.95
CA PHE A 37 -20.15 -14.16 -6.04
C PHE A 37 -18.85 -13.39 -5.85
N ARG A 38 -18.38 -12.75 -6.91
CA ARG A 38 -17.13 -12.01 -6.89
C ARG A 38 -17.19 -10.89 -7.92
N TRP A 39 -16.60 -9.74 -7.59
CA TRP A 39 -16.36 -8.72 -8.60
C TRP A 39 -15.21 -9.16 -9.51
N VAL A 40 -15.45 -9.15 -10.82
CA VAL A 40 -14.42 -9.50 -11.79
C VAL A 40 -14.01 -8.30 -12.64
N SER A 41 -14.64 -7.17 -12.43
CA SER A 41 -14.20 -5.89 -12.96
C SER A 41 -14.80 -4.82 -12.07
N GLU A 42 -14.57 -3.55 -12.42
CA GLU A 42 -15.07 -2.46 -11.60
C GLU A 42 -16.57 -2.61 -11.34
N SER A 43 -17.32 -3.10 -12.33
CA SER A 43 -18.79 -3.08 -12.27
C SER A 43 -19.46 -4.43 -12.44
N GLN A 44 -18.74 -5.51 -12.70
CA GLN A 44 -19.34 -6.80 -12.98
C GLN A 44 -19.26 -7.74 -11.79
N ILE A 45 -20.36 -8.43 -11.52
CA ILE A 45 -20.47 -9.38 -10.42
C ILE A 45 -20.69 -10.76 -11.04
N MET A 46 -19.79 -11.70 -10.76
CA MET A 46 -19.78 -13.02 -11.35
C MET A 46 -20.29 -14.05 -10.36
N SER A 47 -21.17 -14.94 -10.81
CA SER A 47 -21.46 -16.16 -10.06
C SER A 47 -20.23 -17.07 -10.07
N VAL A 48 -19.79 -17.48 -8.89
CA VAL A 48 -18.65 -18.39 -8.81
C VAL A 48 -19.02 -19.76 -9.35
N ALA A 49 -20.24 -20.23 -9.07
CA ALA A 49 -20.63 -21.56 -9.52
C ALA A 49 -20.75 -21.64 -11.03
N PHE A 50 -21.28 -20.60 -11.66
CA PHE A 50 -21.61 -20.68 -13.09
C PHE A 50 -20.61 -19.97 -14.00
N LYS A 51 -19.69 -19.18 -13.45
CA LYS A 51 -18.73 -18.45 -14.28
C LYS A 51 -19.48 -17.57 -15.28
N LEU A 52 -20.60 -17.01 -14.82
CA LEU A 52 -21.41 -16.07 -15.59
C LEU A 52 -21.68 -14.85 -14.71
N CYS A 53 -22.03 -13.73 -15.36
CA CYS A 53 -22.17 -12.44 -14.70
C CYS A 53 -23.64 -12.05 -14.59
N LEU A 54 -24.01 -11.46 -13.45
CA LEU A 54 -25.37 -10.97 -13.25
C LEU A 54 -25.68 -9.85 -14.23
N GLY A 55 -26.87 -9.90 -14.83
CA GLY A 55 -27.23 -8.90 -15.82
C GLY A 55 -28.73 -8.87 -16.05
N VAL A 56 -29.14 -7.94 -16.90
CA VAL A 56 -30.56 -7.72 -17.19
C VAL A 56 -30.73 -7.63 -18.70
N PRO A 57 -31.95 -7.90 -19.20
CA PRO A 57 -32.20 -7.74 -20.64
C PRO A 57 -32.31 -6.29 -21.07
N SER A 58 -32.68 -5.41 -20.15
CA SER A 58 -32.82 -3.99 -20.42
C SER A 58 -32.81 -3.28 -19.08
N LYS A 59 -32.50 -1.99 -19.10
CA LYS A 59 -32.52 -1.18 -17.88
C LYS A 59 -33.92 -0.59 -17.72
N THR A 60 -34.87 -1.48 -17.43
CA THR A 60 -36.25 -1.06 -17.25
C THR A 60 -36.83 -1.76 -16.03
N ASP A 61 -37.95 -1.21 -15.54
CA ASP A 61 -38.57 -1.69 -14.31
C ASP A 61 -39.15 -3.09 -14.47
N TRP A 62 -38.91 -3.92 -13.46
CA TRP A 62 -39.49 -5.25 -13.35
C TRP A 62 -39.08 -6.14 -14.53
N VAL A 63 -37.76 -6.33 -14.66
CA VAL A 63 -37.22 -7.38 -15.52
C VAL A 63 -36.34 -8.26 -14.64
N ALA A 64 -36.17 -9.51 -15.06
CA ALA A 64 -35.46 -10.49 -14.25
C ALA A 64 -33.95 -10.24 -14.30
N ILE A 65 -33.30 -10.41 -13.16
CA ILE A 65 -31.85 -10.38 -13.07
C ILE A 65 -31.37 -11.82 -13.14
N THR A 66 -30.67 -12.17 -14.22
CA THR A 66 -30.17 -13.53 -14.41
C THR A 66 -28.70 -13.48 -14.81
N LEU A 67 -28.18 -14.60 -15.31
CA LEU A 67 -26.75 -14.76 -15.56
C LEU A 67 -26.45 -14.82 -17.04
N TYR A 68 -25.46 -14.04 -17.47
CA TYR A 68 -25.07 -13.92 -18.86
C TYR A 68 -23.58 -14.19 -18.98
N ALA A 69 -23.15 -14.55 -20.18
CA ALA A 69 -21.73 -14.60 -20.47
C ALA A 69 -21.10 -13.26 -20.14
N CYS A 70 -20.05 -13.29 -19.32
CA CYS A 70 -19.46 -12.05 -18.85
C CYS A 70 -18.93 -11.24 -20.01
N ASP A 71 -19.30 -9.97 -20.07
CA ASP A 71 -18.96 -9.09 -21.19
C ASP A 71 -18.66 -7.71 -20.62
N SER A 72 -17.39 -7.31 -20.66
CA SER A 72 -16.94 -6.07 -20.04
C SER A 72 -17.43 -4.83 -20.78
N LYS A 73 -17.98 -4.98 -21.99
CA LYS A 73 -18.55 -3.86 -22.71
C LYS A 73 -20.03 -3.69 -22.49
N SER A 74 -20.68 -4.63 -21.82
CA SER A 74 -22.14 -4.62 -21.71
C SER A 74 -22.57 -3.69 -20.59
N GLU A 75 -23.39 -2.69 -20.93
CA GLU A 75 -23.97 -1.83 -19.91
C GLU A 75 -24.97 -2.58 -19.05
N PHE A 76 -25.50 -3.70 -19.54
CA PHE A 76 -26.52 -4.45 -18.83
C PHE A 76 -25.96 -5.39 -17.78
N GLN A 77 -24.64 -5.39 -17.60
CA GLN A 77 -23.97 -6.20 -16.58
C GLN A 77 -23.24 -5.36 -15.55
N LYS A 78 -23.50 -4.05 -15.49
CA LYS A 78 -22.75 -3.13 -14.64
C LYS A 78 -23.60 -2.74 -13.43
N TRP A 79 -23.03 -2.93 -12.24
CA TRP A 79 -23.71 -2.67 -10.98
C TRP A 79 -22.93 -1.68 -10.15
N GLU A 80 -23.65 -0.92 -9.33
CA GLU A 80 -23.03 0.08 -8.47
C GLU A 80 -23.84 0.19 -7.19
N CYS A 81 -23.19 0.70 -6.15
CA CYS A 81 -23.80 0.93 -4.86
C CYS A 81 -24.26 2.38 -4.78
N LYS A 82 -25.51 2.58 -4.36
CA LYS A 82 -26.07 3.92 -4.19
C LYS A 82 -26.48 4.10 -2.74
N ASN A 83 -26.45 5.35 -2.29
CA ASN A 83 -26.67 5.65 -0.88
C ASN A 83 -25.62 4.87 -0.08
N ASP A 84 -26.04 3.84 0.65
CA ASP A 84 -25.09 2.92 1.26
C ASP A 84 -25.31 1.51 0.73
N THR A 85 -26.39 0.84 1.12
CA THR A 85 -26.61 -0.56 0.79
C THR A 85 -27.53 -0.77 -0.41
N LEU A 86 -28.02 0.29 -1.05
CA LEU A 86 -28.79 0.11 -2.27
C LEU A 86 -27.88 -0.40 -3.37
N LEU A 87 -28.31 -1.47 -4.04
CA LEU A 87 -27.59 -2.08 -5.14
C LEU A 87 -28.42 -1.89 -6.41
N GLY A 88 -27.84 -1.23 -7.41
CA GLY A 88 -28.58 -0.90 -8.60
C GLY A 88 -27.75 -1.04 -9.86
N ILE A 89 -28.46 -1.05 -10.98
CA ILE A 89 -27.82 -1.09 -12.29
C ILE A 89 -27.18 0.27 -12.55
N LYS A 90 -25.99 0.27 -13.14
CA LYS A 90 -25.26 1.51 -13.28
C LYS A 90 -26.03 2.49 -14.14
N GLY A 91 -26.11 3.74 -13.67
CA GLY A 91 -26.69 4.81 -14.45
C GLY A 91 -28.20 4.94 -14.37
N GLU A 92 -28.88 4.11 -13.60
CA GLU A 92 -30.33 4.22 -13.45
C GLU A 92 -30.72 3.99 -12.00
N ASP A 93 -31.79 4.66 -11.58
CA ASP A 93 -32.44 4.40 -10.30
C ASP A 93 -33.35 3.16 -10.42
N LEU A 94 -32.70 2.03 -10.69
CA LEU A 94 -33.35 0.73 -10.78
C LEU A 94 -32.48 -0.27 -10.03
N PHE A 95 -33.11 -1.10 -9.20
CA PHE A 95 -32.38 -1.75 -8.12
C PHE A 95 -32.60 -3.25 -8.11
N PHE A 96 -31.57 -3.92 -7.59
CA PHE A 96 -31.52 -5.35 -7.35
C PHE A 96 -32.46 -5.69 -6.19
N ASN A 97 -33.60 -6.31 -6.48
CA ASN A 97 -34.71 -6.40 -5.52
C ASN A 97 -35.25 -7.81 -5.39
N TYR A 98 -35.60 -8.20 -4.16
CA TYR A 98 -36.25 -9.47 -3.89
C TYR A 98 -37.46 -9.29 -2.97
N GLY A 99 -38.58 -9.91 -3.33
CA GLY A 99 -39.68 -10.07 -2.38
C GLY A 99 -41.06 -9.68 -2.86
N ASN A 100 -41.16 -9.01 -4.00
CA ASN A 100 -42.44 -8.51 -4.46
C ASN A 100 -43.19 -9.54 -5.28
N ARG A 101 -44.52 -9.47 -5.19
CA ARG A 101 -45.43 -10.13 -6.14
C ARG A 101 -45.16 -11.64 -6.25
N GLN A 102 -44.79 -12.25 -5.13
CA GLN A 102 -44.56 -13.70 -5.07
C GLN A 102 -43.53 -14.16 -6.10
N GLU A 103 -42.60 -13.29 -6.47
CA GLU A 103 -41.59 -13.61 -7.48
C GLU A 103 -40.35 -14.14 -6.78
N LYS A 104 -39.94 -15.36 -7.13
CA LYS A 104 -38.78 -15.97 -6.48
C LYS A 104 -37.47 -15.51 -7.08
N ASN A 105 -37.48 -14.96 -8.29
CA ASN A 105 -36.27 -14.48 -8.93
C ASN A 105 -35.97 -13.05 -8.51
N ILE A 106 -34.67 -12.75 -8.40
CA ILE A 106 -34.25 -11.35 -8.21
C ILE A 106 -34.77 -10.55 -9.38
N MET A 107 -35.27 -9.35 -9.11
CA MET A 107 -35.86 -8.50 -10.14
C MET A 107 -35.20 -7.13 -10.10
N LEU A 108 -35.01 -6.55 -11.28
CA LEU A 108 -34.65 -5.14 -11.38
C LEU A 108 -35.91 -4.31 -11.19
N TYR A 109 -35.87 -3.35 -10.28
CA TYR A 109 -37.10 -2.79 -9.73
C TYR A 109 -36.92 -1.32 -9.36
N LYS A 110 -37.95 -0.53 -9.65
CA LYS A 110 -37.90 0.89 -9.31
C LYS A 110 -37.86 1.13 -7.81
N GLY A 111 -38.25 0.15 -7.00
CA GLY A 111 -38.38 0.38 -5.57
C GLY A 111 -37.02 0.44 -4.88
N SER A 112 -36.93 1.32 -3.88
CA SER A 112 -35.70 1.57 -3.16
C SER A 112 -35.86 1.30 -1.67
N GLY A 113 -36.77 0.41 -1.30
CA GLY A 113 -36.95 0.03 0.09
C GLY A 113 -35.87 -0.95 0.55
N LEU A 114 -36.14 -1.58 1.70
CA LEU A 114 -35.17 -2.49 2.29
C LEU A 114 -34.94 -3.73 1.43
N TRP A 115 -35.89 -4.11 0.59
CA TRP A 115 -35.73 -5.28 -0.28
C TRP A 115 -34.80 -5.01 -1.47
N SER A 116 -34.31 -3.77 -1.61
CA SER A 116 -33.33 -3.41 -2.62
C SER A 116 -31.96 -3.14 -2.02
N ARG A 117 -31.79 -3.44 -0.73
CA ARG A 117 -30.55 -3.16 -0.02
C ARG A 117 -29.87 -4.46 0.34
N TRP A 118 -28.56 -4.51 0.12
CA TRP A 118 -27.81 -5.75 0.28
C TRP A 118 -26.46 -5.46 0.90
N LYS A 119 -25.97 -6.46 1.64
CA LYS A 119 -24.70 -6.38 2.34
C LYS A 119 -23.89 -7.64 2.07
N ILE A 120 -22.58 -7.51 2.24
CA ILE A 120 -21.71 -8.68 2.24
C ILE A 120 -22.02 -9.51 3.48
N TYR A 121 -22.51 -10.73 3.26
CA TYR A 121 -22.86 -11.60 4.36
C TYR A 121 -21.70 -11.70 5.35
N GLY A 122 -22.03 -11.63 6.62
CA GLY A 122 -21.03 -11.65 7.67
C GLY A 122 -20.42 -10.31 8.00
N THR A 123 -20.95 -9.22 7.44
CA THR A 123 -20.42 -7.89 7.67
C THR A 123 -21.58 -6.91 7.71
N THR A 124 -21.26 -5.65 7.99
CA THR A 124 -22.20 -4.54 7.94
C THR A 124 -21.99 -3.66 6.72
N ASP A 125 -21.20 -4.11 5.74
CA ASP A 125 -20.76 -3.29 4.63
C ASP A 125 -21.51 -3.64 3.36
N ASN A 126 -21.59 -2.67 2.44
CA ASN A 126 -22.23 -2.88 1.16
C ASN A 126 -21.30 -3.67 0.23
N LEU A 127 -21.83 -4.09 -0.91
CA LEU A 127 -21.08 -4.96 -1.80
C LEU A 127 -19.84 -4.27 -2.34
N CYS A 128 -19.89 -2.95 -2.51
CA CYS A 128 -18.79 -2.24 -3.11
C CYS A 128 -17.64 -1.98 -2.14
N SER A 129 -17.79 -2.37 -0.87
CA SER A 129 -16.64 -2.34 0.02
C SER A 129 -15.60 -3.37 -0.40
N ARG A 130 -16.02 -4.61 -0.64
CA ARG A 130 -15.15 -5.65 -1.20
C ARG A 130 -15.16 -5.60 -2.72
N GLY A 131 -14.93 -4.41 -3.27
CA GLY A 131 -15.00 -4.21 -4.70
C GLY A 131 -13.93 -4.99 -5.43
N TYR A 132 -13.84 -4.73 -6.74
CA TYR A 132 -12.90 -5.43 -7.59
C TYR A 132 -11.47 -5.14 -7.18
N GLU A 133 -10.69 -6.20 -6.95
CA GLU A 133 -9.25 -6.08 -6.70
C GLU A 133 -8.51 -6.83 -7.80
N ALA A 134 -7.90 -6.09 -8.71
CA ALA A 134 -7.12 -6.71 -9.77
C ALA A 134 -6.02 -7.59 -9.17
N MET A 135 -5.84 -8.76 -9.75
CA MET A 135 -4.85 -9.72 -9.28
C MET A 135 -3.72 -9.77 -10.29
N TYR A 136 -2.55 -9.25 -9.91
CA TYR A 136 -1.41 -9.19 -10.82
C TYR A 136 -0.66 -10.52 -10.82
N THR A 137 -0.40 -11.05 -12.02
CA THR A 137 0.23 -12.36 -12.12
C THR A 137 1.73 -12.28 -11.91
N LEU A 138 2.29 -13.38 -11.42
CA LEU A 138 3.72 -13.52 -11.18
C LEU A 138 4.32 -14.48 -12.21
N LEU A 139 5.55 -14.19 -12.63
CA LEU A 139 6.19 -14.94 -13.71
C LEU A 139 5.22 -15.09 -14.88
N GLY A 140 5.19 -16.27 -15.51
CA GLY A 140 4.34 -16.45 -16.66
C GLY A 140 4.88 -15.74 -17.89
N ASN A 141 4.01 -15.61 -18.89
CA ASN A 141 4.39 -15.01 -20.16
C ASN A 141 3.61 -13.74 -20.45
N ALA A 142 2.91 -13.18 -19.46
CA ALA A 142 2.04 -12.03 -19.66
C ALA A 142 2.58 -10.76 -19.01
N ASN A 143 3.84 -10.75 -18.57
CA ASN A 143 4.50 -9.55 -18.06
C ASN A 143 3.76 -8.94 -16.86
N GLY A 144 3.12 -9.77 -16.05
CA GLY A 144 2.44 -9.31 -14.87
C GLY A 144 1.02 -8.84 -15.07
N ALA A 145 0.44 -9.11 -16.24
CA ALA A 145 -0.94 -8.72 -16.50
C ALA A 145 -1.87 -9.37 -15.49
N THR A 146 -3.04 -8.74 -15.30
CA THR A 146 -3.98 -9.20 -14.29
C THR A 146 -4.76 -10.42 -14.76
N CYS A 147 -5.20 -11.23 -13.80
CA CYS A 147 -6.07 -12.36 -14.11
C CYS A 147 -7.36 -11.85 -14.74
N ALA A 148 -7.82 -12.57 -15.77
CA ALA A 148 -9.11 -12.32 -16.40
C ALA A 148 -10.07 -13.42 -15.94
N PHE A 149 -10.92 -13.10 -14.96
CA PHE A 149 -11.90 -14.06 -14.51
C PHE A 149 -13.26 -13.72 -15.14
N PRO A 150 -13.99 -14.74 -15.64
CA PRO A 150 -13.59 -16.14 -15.77
C PRO A 150 -12.75 -16.37 -17.03
N PHE A 151 -11.95 -17.44 -17.05
CA PHE A 151 -11.13 -17.74 -18.22
C PHE A 151 -11.34 -19.20 -18.57
N LYS A 152 -11.03 -19.53 -19.83
CA LYS A 152 -11.34 -20.84 -20.39
C LYS A 152 -10.05 -21.61 -20.65
N PHE A 153 -10.00 -22.84 -20.13
CA PHE A 153 -8.88 -23.76 -20.35
C PHE A 153 -9.45 -25.16 -20.55
N GLU A 154 -9.03 -25.81 -21.64
CA GLU A 154 -9.57 -27.12 -22.02
C GLU A 154 -11.10 -27.05 -22.16
N ASN A 155 -11.58 -25.92 -22.65
CA ASN A 155 -13.02 -25.68 -22.84
C ASN A 155 -13.81 -25.66 -21.54
N LYS A 156 -13.15 -25.55 -20.39
CA LYS A 156 -13.82 -25.41 -19.09
C LYS A 156 -13.54 -24.03 -18.53
N TRP A 157 -14.53 -23.48 -17.82
CA TRP A 157 -14.46 -22.11 -17.30
C TRP A 157 -14.00 -22.10 -15.84
N TYR A 158 -13.09 -21.18 -15.53
CA TYR A 158 -12.53 -21.08 -14.19
C TYR A 158 -12.89 -19.72 -13.60
N ALA A 159 -13.41 -19.75 -12.37
CA ALA A 159 -13.78 -18.56 -11.62
C ALA A 159 -12.66 -18.07 -10.72
N ASP A 160 -11.61 -18.87 -10.58
CA ASP A 160 -10.52 -18.56 -9.68
C ASP A 160 -9.26 -19.19 -10.26
N CYS A 161 -8.13 -18.91 -9.63
CA CYS A 161 -6.89 -19.55 -10.05
C CYS A 161 -7.00 -21.06 -9.90
N THR A 162 -6.19 -21.78 -10.67
CA THR A 162 -6.31 -23.23 -10.75
C THR A 162 -4.92 -23.83 -10.91
N SER A 163 -4.81 -25.12 -10.59
CA SER A 163 -3.63 -25.91 -10.91
C SER A 163 -3.91 -26.89 -12.05
N ALA A 164 -5.09 -26.80 -12.66
CA ALA A 164 -5.39 -27.66 -13.81
C ALA A 164 -4.33 -27.49 -14.89
N GLY A 165 -4.05 -28.58 -15.60
CA GLY A 165 -3.05 -28.56 -16.65
C GLY A 165 -1.62 -28.62 -16.18
N ARG A 166 -1.39 -28.80 -14.88
CA ARG A 166 -0.04 -28.78 -14.33
C ARG A 166 0.19 -30.03 -13.50
N SER A 167 1.48 -30.37 -13.32
CA SER A 167 1.89 -31.43 -12.43
C SER A 167 2.45 -30.94 -11.11
N ASP A 168 2.67 -29.64 -10.94
CA ASP A 168 3.38 -29.12 -9.78
C ASP A 168 2.47 -28.41 -8.77
N GLY A 169 1.17 -28.33 -9.01
CA GLY A 169 0.26 -27.71 -8.06
C GLY A 169 0.30 -26.19 -8.03
N TRP A 170 1.09 -25.56 -8.88
CA TRP A 170 1.15 -24.10 -8.90
C TRP A 170 -0.17 -23.53 -9.43
N LEU A 171 -0.64 -22.47 -8.77
CA LEU A 171 -1.90 -21.82 -9.14
C LEU A 171 -1.63 -20.74 -10.18
N TRP A 172 -2.44 -20.75 -11.24
CA TRP A 172 -2.28 -19.82 -12.35
C TRP A 172 -3.65 -19.34 -12.81
N CYS A 173 -3.63 -18.32 -13.66
CA CYS A 173 -4.84 -17.80 -14.26
C CYS A 173 -4.51 -17.33 -15.66
N GLY A 174 -5.50 -17.42 -16.54
CA GLY A 174 -5.40 -16.73 -17.81
C GLY A 174 -5.49 -15.23 -17.59
N THR A 175 -4.68 -14.49 -18.34
CA THR A 175 -4.74 -13.03 -18.34
C THR A 175 -5.59 -12.49 -19.47
N THR A 176 -6.18 -13.38 -20.27
CA THR A 176 -7.30 -13.06 -21.16
C THR A 176 -8.36 -14.12 -20.96
N THR A 177 -9.55 -13.85 -21.49
CA THR A 177 -10.68 -14.74 -21.28
C THR A 177 -10.43 -16.12 -21.87
N ASP A 178 -9.89 -16.19 -23.08
CA ASP A 178 -9.76 -17.45 -23.81
C ASP A 178 -8.31 -17.88 -23.80
N TYR A 179 -7.90 -18.57 -22.73
CA TYR A 179 -6.52 -19.04 -22.67
C TYR A 179 -6.26 -20.09 -23.74
N ASP A 180 -7.27 -20.93 -24.04
CA ASP A 180 -7.13 -21.91 -25.10
C ASP A 180 -6.65 -21.28 -26.40
N THR A 181 -7.18 -20.11 -26.73
CA THR A 181 -6.73 -19.43 -27.94
C THR A 181 -5.46 -18.61 -27.69
N ASP A 182 -5.45 -17.79 -26.63
CA ASP A 182 -4.42 -16.77 -26.49
C ASP A 182 -3.16 -17.27 -25.77
N LYS A 183 -3.28 -18.27 -24.90
CA LYS A 183 -2.12 -18.89 -24.26
C LYS A 183 -1.33 -17.90 -23.39
N LEU A 184 -2.00 -16.87 -22.87
CA LEU A 184 -1.37 -15.89 -21.99
C LEU A 184 -1.81 -16.13 -20.55
N PHE A 185 -0.83 -16.29 -19.66
CA PHE A 185 -1.10 -16.68 -18.28
C PHE A 185 0.02 -16.18 -17.38
N GLY A 186 -0.24 -16.26 -16.08
CA GLY A 186 0.80 -16.15 -15.06
C GLY A 186 0.32 -16.82 -13.79
N TYR A 187 1.23 -16.90 -12.82
CA TYR A 187 0.92 -17.53 -11.55
C TYR A 187 0.27 -16.54 -10.60
N CYS A 188 -0.51 -17.03 -9.73
CA CYS A 188 -1.33 -16.17 -8.92
C CYS A 188 -0.63 -15.86 -7.60
N PRO A 189 -0.85 -14.60 -7.05
CA PRO A 189 -0.24 -14.20 -5.78
C PRO A 189 -0.97 -14.80 -4.59
N LEU A 190 -0.98 -16.12 -4.53
CA LEU A 190 -1.74 -16.86 -3.53
C LEU A 190 -0.85 -17.93 -2.90
N LYS A 191 -1.29 -18.43 -1.76
CA LYS A 191 -0.55 -19.46 -1.05
C LYS A 191 -0.85 -20.83 -1.64
N PHE A 192 0.19 -21.56 -2.00
CA PHE A 192 0.07 -22.94 -2.43
C PHE A 192 1.39 -23.63 -2.13
N GLU A 193 1.37 -24.96 -2.10
CA GLU A 193 2.60 -25.69 -1.80
C GLU A 193 3.68 -25.32 -2.81
N GLY A 194 4.79 -24.78 -2.32
CA GLY A 194 5.88 -24.32 -3.16
C GLY A 194 5.86 -22.83 -3.47
N SER A 195 4.81 -22.11 -3.09
CA SER A 195 4.72 -20.70 -3.44
C SER A 195 5.78 -19.86 -2.75
N GLU A 196 6.34 -20.32 -1.64
CA GLU A 196 7.41 -19.56 -0.99
C GLU A 196 8.69 -19.58 -1.78
N SER A 197 8.83 -20.46 -2.77
CA SER A 197 10.02 -20.41 -3.61
C SER A 197 10.06 -19.17 -4.48
N LEU A 198 8.98 -18.39 -4.53
CA LEU A 198 9.02 -17.09 -5.19
C LEU A 198 9.68 -16.01 -4.33
N TRP A 199 10.05 -16.32 -3.10
CA TRP A 199 10.66 -15.38 -2.18
C TRP A 199 12.05 -15.85 -1.79
N ASN A 200 12.95 -14.90 -1.55
CA ASN A 200 14.27 -15.17 -1.05
C ASN A 200 14.35 -14.64 0.38
N LYS A 201 14.55 -15.52 1.34
CA LYS A 201 14.58 -15.15 2.74
C LYS A 201 16.03 -14.89 3.14
N ASP A 202 16.29 -13.71 3.66
CA ASP A 202 17.63 -13.38 4.17
C ASP A 202 17.86 -14.17 5.44
N PRO A 203 18.82 -15.10 5.48
CA PRO A 203 19.02 -15.89 6.70
C PRO A 203 19.44 -15.04 7.90
N LEU A 204 20.10 -13.91 7.66
CA LEU A 204 20.54 -13.07 8.77
C LEU A 204 19.35 -12.43 9.49
N THR A 205 18.33 -12.00 8.73
CA THR A 205 17.26 -11.18 9.27
C THR A 205 15.89 -11.83 9.22
N SER A 206 15.69 -12.88 8.42
CA SER A 206 14.39 -13.52 8.18
C SER A 206 13.43 -12.61 7.40
N VAL A 207 13.92 -11.54 6.78
CA VAL A 207 13.11 -10.75 5.87
C VAL A 207 13.14 -11.42 4.49
N SER A 208 12.01 -11.42 3.80
CA SER A 208 11.89 -12.07 2.50
C SER A 208 11.69 -11.04 1.40
N TYR A 209 12.25 -11.35 0.22
CA TYR A 209 12.21 -10.44 -0.92
C TYR A 209 11.77 -11.21 -2.17
N GLN A 210 10.98 -10.55 -3.00
CA GLN A 210 10.51 -11.11 -4.27
C GLN A 210 10.96 -10.20 -5.39
N ILE A 211 11.77 -10.74 -6.30
CA ILE A 211 12.31 -10.00 -7.44
C ILE A 211 11.48 -10.39 -8.66
N ASN A 212 10.67 -9.45 -9.15
CA ASN A 212 9.80 -9.67 -10.29
C ASN A 212 10.39 -8.95 -11.51
N SER A 213 11.36 -9.58 -12.14
CA SER A 213 12.10 -8.96 -13.23
C SER A 213 11.43 -9.16 -14.59
N LYS A 214 10.47 -10.07 -14.69
CA LYS A 214 9.81 -10.34 -15.96
C LYS A 214 8.55 -9.51 -16.16
N SER A 215 8.09 -8.82 -15.11
CA SER A 215 6.88 -8.03 -15.17
C SER A 215 7.17 -6.61 -15.66
N ALA A 216 6.12 -5.96 -16.16
CA ALA A 216 6.16 -4.59 -16.65
C ALA A 216 4.96 -3.85 -16.06
N LEU A 217 5.15 -3.26 -14.88
CA LEU A 217 4.07 -2.60 -14.17
C LEU A 217 4.48 -1.18 -13.79
N THR A 218 3.50 -0.29 -13.73
CA THR A 218 3.75 1.04 -13.19
C THR A 218 4.10 0.92 -11.70
N TRP A 219 4.61 2.00 -11.14
CA TRP A 219 4.95 1.98 -9.73
C TRP A 219 3.73 1.66 -8.88
N HIS A 220 2.58 2.25 -9.23
CA HIS A 220 1.37 2.07 -8.42
C HIS A 220 0.81 0.66 -8.57
N GLN A 221 0.87 0.10 -9.78
CA GLN A 221 0.47 -1.30 -9.97
C GLN A 221 1.39 -2.23 -9.18
N ALA A 222 2.71 -2.01 -9.30
CA ALA A 222 3.66 -2.83 -8.58
C ALA A 222 3.38 -2.79 -7.08
N ARG A 223 3.05 -1.61 -6.55
CA ARG A 223 2.72 -1.51 -5.13
C ARG A 223 1.52 -2.38 -4.78
N LYS A 224 0.47 -2.33 -5.62
CA LYS A 224 -0.71 -3.18 -5.38
C LYS A 224 -0.34 -4.67 -5.44
N SER A 225 0.57 -5.05 -6.32
CA SER A 225 0.97 -6.45 -6.38
C SER A 225 1.64 -6.89 -5.08
N CYS A 226 2.56 -6.08 -4.55
CA CYS A 226 3.17 -6.43 -3.28
C CYS A 226 2.15 -6.41 -2.15
N GLN A 227 1.27 -5.41 -2.12
CA GLN A 227 0.29 -5.30 -1.04
C GLN A 227 -0.59 -6.53 -0.97
N GLN A 228 -1.07 -7.02 -2.12
CA GLN A 228 -1.98 -8.16 -2.10
C GLN A 228 -1.27 -9.45 -1.76
N GLN A 229 0.06 -9.44 -1.63
CA GLN A 229 0.81 -10.57 -1.11
C GLN A 229 1.20 -10.37 0.35
N ASN A 230 0.50 -9.47 1.05
CA ASN A 230 0.83 -9.15 2.44
C ASN A 230 2.25 -8.60 2.53
N ALA A 231 2.62 -7.75 1.58
CA ALA A 231 3.97 -7.23 1.48
C ALA A 231 3.89 -5.76 1.07
N GLU A 232 5.02 -5.21 0.68
CA GLU A 232 5.07 -3.85 0.16
C GLU A 232 6.29 -3.77 -0.75
N LEU A 233 6.35 -2.72 -1.55
CA LEU A 233 7.55 -2.47 -2.34
C LEU A 233 8.76 -2.40 -1.41
N LEU A 234 9.91 -2.81 -1.96
CA LEU A 234 11.15 -2.86 -1.21
C LEU A 234 11.46 -1.53 -0.52
N SER A 235 11.81 -1.62 0.76
CA SER A 235 12.45 -0.54 1.49
C SER A 235 13.84 -1.00 1.89
N ILE A 236 14.78 -0.06 1.96
CA ILE A 236 16.19 -0.36 2.21
C ILE A 236 16.65 0.56 3.33
N THR A 237 16.77 0.02 4.54
CA THR A 237 17.07 0.85 5.71
C THR A 237 18.37 0.48 6.41
N GLU A 238 19.10 -0.52 5.91
CA GLU A 238 20.38 -0.91 6.46
C GLU A 238 21.35 -1.20 5.32
N ILE A 239 22.63 -0.97 5.59
CA ILE A 239 23.66 -1.24 4.59
C ILE A 239 23.63 -2.70 4.18
N HIS A 240 23.51 -3.61 5.16
CA HIS A 240 23.42 -5.02 4.84
C HIS A 240 22.27 -5.31 3.89
N GLU A 241 21.12 -4.65 4.11
CA GLU A 241 19.96 -4.90 3.25
C GLU A 241 20.27 -4.54 1.80
N GLN A 242 20.93 -3.40 1.59
CA GLN A 242 21.34 -3.02 0.25
C GLN A 242 22.29 -4.06 -0.33
N THR A 243 23.30 -4.47 0.45
CA THR A 243 24.25 -5.46 -0.04
C THR A 243 23.55 -6.75 -0.45
N TYR A 244 22.61 -7.20 0.39
CA TYR A 244 21.89 -8.43 0.10
C TYR A 244 21.09 -8.31 -1.20
N LEU A 245 20.45 -7.16 -1.42
CA LEU A 245 19.64 -6.98 -2.62
C LEU A 245 20.51 -6.76 -3.85
N THR A 246 21.67 -6.11 -3.68
CA THR A 246 22.62 -6.03 -4.79
C THR A 246 22.98 -7.42 -5.29
N GLY A 247 23.28 -8.33 -4.37
CA GLY A 247 23.62 -9.69 -4.76
C GLY A 247 22.46 -10.41 -5.43
N LEU A 248 21.26 -10.28 -4.87
CA LEU A 248 20.10 -10.96 -5.45
C LEU A 248 19.77 -10.46 -6.85
N THR A 249 20.18 -9.25 -7.21
CA THR A 249 19.88 -8.70 -8.52
C THR A 249 21.11 -8.59 -9.42
N SER A 250 22.24 -9.19 -9.02
CA SER A 250 23.51 -8.91 -9.67
C SER A 250 23.54 -9.36 -11.13
N SER A 251 22.67 -10.28 -11.54
CA SER A 251 22.64 -10.73 -12.93
C SER A 251 21.59 -10.00 -13.75
N LEU A 252 20.95 -8.97 -13.20
CA LEU A 252 19.91 -8.23 -13.90
C LEU A 252 20.45 -6.88 -14.38
N THR A 253 19.72 -6.27 -15.31
CA THR A 253 20.14 -4.98 -15.85
C THR A 253 19.01 -3.96 -15.88
N SER A 254 17.79 -4.36 -16.22
CA SER A 254 16.69 -3.42 -16.33
C SER A 254 16.21 -2.97 -14.93
N GLY A 255 15.58 -1.80 -14.91
CA GLY A 255 15.22 -1.19 -13.65
C GLY A 255 14.12 -1.94 -12.92
N LEU A 256 14.15 -1.87 -11.60
CA LEU A 256 13.18 -2.50 -10.72
C LEU A 256 12.62 -1.47 -9.77
N TRP A 257 11.31 -1.29 -9.80
CA TRP A 257 10.65 -0.38 -8.88
C TRP A 257 10.93 -0.79 -7.44
N ILE A 258 11.26 0.19 -6.61
CA ILE A 258 11.30 0.00 -5.16
C ILE A 258 10.36 1.01 -4.52
N GLY A 259 10.26 1.00 -3.19
CA GLY A 259 9.21 1.74 -2.54
C GLY A 259 9.48 3.22 -2.32
N LEU A 260 10.66 3.70 -2.67
CA LEU A 260 11.02 5.09 -2.39
C LEU A 260 10.28 6.02 -3.35
N ASN A 261 9.79 7.15 -2.82
CA ASN A 261 9.03 8.06 -3.65
C ASN A 261 8.96 9.43 -2.98
N SER A 262 8.52 10.41 -3.76
CA SER A 262 8.28 11.78 -3.30
C SER A 262 6.88 12.20 -3.68
N LEU A 263 5.90 11.30 -3.52
CA LEU A 263 4.54 11.54 -3.95
C LEU A 263 3.75 12.41 -2.99
N SER A 264 4.25 12.64 -1.77
CA SER A 264 3.61 13.56 -0.83
C SER A 264 4.15 14.96 -1.10
N PHE A 265 3.28 15.83 -1.64
CA PHE A 265 3.75 17.11 -2.15
C PHE A 265 4.41 17.96 -1.07
N ASN A 266 4.02 17.79 0.20
CA ASN A 266 4.51 18.67 1.26
C ASN A 266 5.63 18.04 2.10
N SER A 267 6.18 16.91 1.69
CA SER A 267 7.31 16.34 2.42
C SER A 267 8.27 15.69 1.43
N GLY A 268 9.37 15.19 1.97
CA GLY A 268 10.49 14.71 1.16
C GLY A 268 10.43 13.22 0.87
N TRP A 269 11.61 12.65 0.68
CA TRP A 269 11.69 11.26 0.25
C TRP A 269 11.18 10.33 1.34
N GLN A 270 10.42 9.31 0.93
CA GLN A 270 9.71 8.44 1.85
C GLN A 270 9.56 7.04 1.24
N TRP A 271 9.50 6.03 2.11
CA TRP A 271 9.25 4.67 1.70
C TRP A 271 7.76 4.37 1.79
N SER A 272 7.25 3.62 0.79
CA SER A 272 5.83 3.31 0.75
C SER A 272 5.38 2.43 1.91
N ASP A 273 6.30 1.74 2.59
CA ASP A 273 5.95 0.96 3.78
C ASP A 273 6.13 1.77 5.07
N ARG A 274 6.35 3.09 4.96
CA ARG A 274 6.51 4.00 6.09
C ARG A 274 7.80 3.76 6.88
N SER A 275 8.74 3.03 6.31
CA SER A 275 10.06 2.94 6.89
C SER A 275 10.73 4.31 6.89
N PRO A 276 11.62 4.57 7.84
CA PRO A 276 12.37 5.83 7.81
C PRO A 276 13.29 5.90 6.61
N PHE A 277 13.34 7.07 5.97
CA PHE A 277 14.32 7.31 4.92
C PHE A 277 15.60 7.81 5.59
N ARG A 278 16.46 6.86 5.96
CA ARG A 278 17.66 7.15 6.72
C ARG A 278 18.92 6.58 6.07
N TYR A 279 18.80 5.85 4.97
CA TYR A 279 19.92 5.32 4.21
C TYR A 279 19.78 5.73 2.75
N LEU A 280 20.86 6.25 2.17
CA LEU A 280 20.85 6.81 0.83
C LEU A 280 21.83 6.05 -0.06
N ASN A 281 21.39 5.69 -1.25
CA ASN A 281 22.25 4.99 -2.22
C ASN A 281 21.89 5.43 -3.63
N TRP A 282 21.85 6.74 -3.84
CA TRP A 282 21.45 7.29 -5.13
C TRP A 282 22.55 7.09 -6.17
N LEU A 283 22.12 6.89 -7.41
CA LEU A 283 23.03 6.99 -8.54
C LEU A 283 23.50 8.44 -8.68
N PRO A 284 24.66 8.66 -9.30
CA PRO A 284 25.07 10.03 -9.63
C PRO A 284 23.99 10.72 -10.45
N GLY A 285 23.73 11.98 -10.10
CA GLY A 285 22.71 12.73 -10.78
C GLY A 285 21.30 12.53 -10.24
N SER A 286 21.10 11.57 -9.34
CA SER A 286 19.82 11.42 -8.66
C SER A 286 19.96 11.79 -7.19
N PRO A 287 18.88 12.25 -6.53
CA PRO A 287 17.55 12.49 -7.13
C PRO A 287 17.59 13.73 -8.00
N SER A 288 17.08 13.63 -9.21
CA SER A 288 17.16 14.75 -10.13
C SER A 288 16.08 15.77 -9.84
N ALA A 289 16.31 16.99 -10.30
CA ALA A 289 15.39 18.11 -10.12
C ALA A 289 14.32 18.15 -11.20
N GLU A 290 13.77 17.01 -11.58
CA GLU A 290 12.76 16.94 -12.61
C GLU A 290 11.41 16.64 -11.98
N PRO A 291 10.44 17.56 -12.03
CA PRO A 291 9.26 17.42 -11.16
C PRO A 291 8.43 16.17 -11.40
N GLY A 292 8.37 15.65 -12.62
CA GLY A 292 7.52 14.51 -12.88
C GLY A 292 8.07 13.16 -12.44
N LYS A 293 9.28 13.10 -11.90
CA LYS A 293 9.95 11.83 -11.62
C LYS A 293 9.95 11.60 -10.12
N SER A 294 8.83 11.06 -9.62
CA SER A 294 8.56 10.94 -8.20
C SER A 294 8.66 9.51 -7.67
N CYS A 295 9.04 8.55 -8.51
CA CYS A 295 9.11 7.16 -8.12
C CYS A 295 10.51 6.64 -8.40
N VAL A 296 10.99 5.73 -7.56
CA VAL A 296 12.40 5.34 -7.58
C VAL A 296 12.54 3.90 -8.05
N SER A 297 13.46 3.69 -8.99
CA SER A 297 13.87 2.39 -9.47
C SER A 297 15.27 2.06 -8.97
N LEU A 298 15.47 0.81 -8.58
CA LEU A 298 16.80 0.27 -8.33
C LEU A 298 17.36 -0.22 -9.66
N ASN A 299 18.57 0.23 -9.99
CA ASN A 299 19.17 -0.10 -11.28
C ASN A 299 20.17 -1.24 -11.08
N PRO A 300 19.77 -2.49 -11.32
CA PRO A 300 20.67 -3.60 -11.00
C PRO A 300 21.90 -3.68 -11.89
N GLY A 301 21.88 -3.04 -13.07
CA GLY A 301 23.05 -2.99 -13.91
C GLY A 301 24.04 -1.92 -13.53
N LYS A 302 23.70 -1.09 -12.56
CA LYS A 302 24.61 -0.07 -12.03
C LYS A 302 24.76 -0.23 -10.52
N ASN A 303 25.13 -1.44 -10.10
CA ASN A 303 25.44 -1.74 -8.70
C ASN A 303 24.24 -1.53 -7.78
N ALA A 304 23.03 -1.53 -8.36
CA ALA A 304 21.78 -1.47 -7.60
C ALA A 304 21.62 -0.14 -6.86
N LYS A 305 22.22 0.92 -7.38
CA LYS A 305 21.94 2.26 -6.92
C LYS A 305 20.61 2.74 -7.49
N TRP A 306 20.13 3.87 -6.99
CA TRP A 306 18.74 4.28 -7.18
C TRP A 306 18.65 5.51 -8.07
N GLU A 307 17.53 5.60 -8.79
CA GLU A 307 17.24 6.76 -9.62
C GLU A 307 15.75 6.98 -9.63
N ASN A 308 15.35 8.25 -9.63
CA ASN A 308 13.93 8.60 -9.67
C ASN A 308 13.48 8.74 -11.11
N LEU A 309 12.29 8.20 -11.39
CA LEU A 309 11.73 8.13 -12.73
C LEU A 309 10.26 8.53 -12.67
N GLU A 310 9.67 8.69 -13.84
CA GLU A 310 8.22 8.86 -13.93
C GLU A 310 7.53 7.59 -13.47
N CYS A 311 6.50 7.75 -12.64
CA CYS A 311 5.85 6.62 -12.00
C CYS A 311 5.15 5.71 -13.01
N VAL A 312 4.73 6.26 -14.15
CA VAL A 312 4.01 5.46 -15.15
C VAL A 312 4.92 4.56 -15.96
N GLN A 313 6.23 4.63 -15.76
CA GLN A 313 7.13 3.71 -16.46
C GLN A 313 6.82 2.28 -16.06
N LYS A 314 6.85 1.37 -17.04
CA LYS A 314 6.50 -0.03 -16.81
C LYS A 314 7.78 -0.82 -16.61
N LEU A 315 7.98 -1.31 -15.38
CA LEU A 315 9.23 -1.96 -15.01
C LEU A 315 8.90 -3.20 -14.19
N GLY A 316 9.93 -4.01 -13.94
CA GLY A 316 9.87 -5.00 -12.90
C GLY A 316 9.85 -4.30 -11.56
N TYR A 317 9.76 -5.09 -10.49
CA TYR A 317 9.65 -4.52 -9.16
C TYR A 317 10.11 -5.54 -8.13
N ILE A 318 10.33 -5.07 -6.91
CA ILE A 318 10.80 -5.88 -5.79
C ILE A 318 9.84 -5.71 -4.63
N CYS A 319 9.33 -6.82 -4.11
CA CYS A 319 8.50 -6.83 -2.92
C CYS A 319 9.33 -7.26 -1.73
N LYS A 320 8.89 -6.83 -0.55
CA LYS A 320 9.55 -7.11 0.70
C LYS A 320 8.49 -7.49 1.73
N LYS A 321 8.77 -8.51 2.51
CA LYS A 321 7.82 -9.07 3.47
C LYS A 321 8.49 -9.26 4.82
N ILE A 331 -8.31 11.67 25.80
CA ILE A 331 -8.19 11.10 27.15
C ILE A 331 -6.81 10.49 27.34
N PRO A 332 -6.11 10.83 28.42
CA PRO A 332 -4.78 10.27 28.63
C PRO A 332 -4.84 8.76 28.86
N SER A 333 -3.77 8.09 28.43
CA SER A 333 -3.61 6.68 28.72
C SER A 333 -3.24 6.50 30.19
N GLU A 334 -3.46 5.28 30.69
CA GLU A 334 -3.18 4.98 32.09
C GLU A 334 -1.72 5.23 32.44
N SER A 335 -0.82 5.18 31.45
CA SER A 335 0.60 5.38 31.67
C SER A 335 1.05 6.83 31.51
N ASP A 336 0.18 7.73 31.01
CA ASP A 336 0.53 9.14 30.87
C ASP A 336 0.33 9.83 32.23
N VAL A 337 1.26 9.55 33.14
CA VAL A 337 1.21 10.11 34.49
C VAL A 337 2.01 11.40 34.53
N PRO A 338 1.85 12.23 35.56
CA PRO A 338 2.68 13.43 35.66
C PRO A 338 4.16 13.08 35.62
N THR A 339 4.93 13.86 34.88
CA THR A 339 6.31 13.55 34.56
C THR A 339 7.24 14.55 35.22
N HIS A 340 8.21 14.04 36.00
CA HIS A 340 9.19 14.88 36.66
C HIS A 340 10.24 15.35 35.64
N CYS A 341 10.52 16.64 35.64
CA CYS A 341 11.56 17.22 34.82
C CYS A 341 12.36 18.20 35.65
N PRO A 342 13.66 18.33 35.40
CA PRO A 342 14.44 19.38 36.08
C PRO A 342 14.05 20.76 35.56
N SER A 343 14.40 21.76 36.36
CA SER A 343 14.07 23.14 36.02
C SER A 343 14.54 23.49 34.62
N GLN A 344 13.67 24.16 33.87
CA GLN A 344 13.89 24.64 32.50
C GLN A 344 13.71 23.52 31.48
N TRP A 345 13.33 22.31 31.89
CA TRP A 345 13.00 21.23 30.96
C TRP A 345 11.52 20.91 31.09
N TRP A 346 10.92 20.46 29.98
CA TRP A 346 9.47 20.38 29.91
C TRP A 346 9.03 19.00 29.46
N PRO A 347 7.99 18.45 30.09
CA PRO A 347 7.65 17.03 29.91
C PRO A 347 6.79 16.73 28.70
N TYR A 348 7.11 15.60 28.07
CA TYR A 348 6.23 14.97 27.09
C TYR A 348 6.54 13.48 27.05
N ALA A 349 5.51 12.66 27.24
CA ALA A 349 5.61 11.21 27.09
C ALA A 349 6.86 10.65 27.76
N GLY A 350 7.00 10.96 29.04
CA GLY A 350 8.05 10.39 29.85
C GLY A 350 9.44 10.95 29.59
N HIS A 351 9.58 11.94 28.74
CA HIS A 351 10.86 12.62 28.53
C HIS A 351 10.70 14.11 28.77
N CYS A 352 11.85 14.78 28.87
CA CYS A 352 11.91 16.22 29.11
C CYS A 352 12.68 16.89 27.99
N TYR A 353 12.23 18.09 27.61
CA TYR A 353 12.73 18.80 26.43
C TYR A 353 13.02 20.24 26.76
N LYS A 354 13.89 20.83 25.94
CA LYS A 354 14.29 22.22 26.10
C LYS A 354 14.77 22.73 24.74
N ILE A 355 14.40 23.97 24.41
CA ILE A 355 14.97 24.66 23.25
C ILE A 355 16.00 25.67 23.74
N HIS A 356 17.21 25.62 23.17
CA HIS A 356 18.25 26.60 23.41
C HIS A 356 18.21 27.65 22.30
N ARG A 357 17.88 28.87 22.67
CA ARG A 357 17.95 30.03 21.80
C ARG A 357 19.01 31.04 22.22
N ASP A 358 19.43 31.00 23.48
CA ASP A 358 20.32 32.03 24.02
C ASP A 358 21.55 32.22 23.15
N GLU A 359 22.33 31.16 22.96
CA GLU A 359 23.60 31.22 22.25
C GLU A 359 23.58 30.18 21.15
N LYS A 360 23.53 30.62 19.90
CA LYS A 360 23.52 29.70 18.78
C LYS A 360 24.88 29.01 18.70
N LYS A 361 24.87 27.73 18.32
CA LYS A 361 26.06 26.91 18.34
C LYS A 361 26.10 26.02 17.11
N ILE A 362 27.32 25.67 16.69
CA ILE A 362 27.46 24.64 15.67
C ILE A 362 27.00 23.30 16.25
N GLN A 363 26.70 22.35 15.36
CA GLN A 363 26.02 21.14 15.79
C GLN A 363 26.78 20.43 16.90
N ARG A 364 28.10 20.31 16.78
CA ARG A 364 28.84 19.52 17.75
C ARG A 364 28.93 20.22 19.09
N ASP A 365 28.89 21.56 19.10
CA ASP A 365 28.89 22.29 20.37
C ASP A 365 27.50 22.26 21.01
N ALA A 366 26.45 22.34 20.20
CA ALA A 366 25.10 22.12 20.70
C ALA A 366 24.99 20.74 21.34
N LEU A 367 25.55 19.72 20.70
CA LEU A 367 25.51 18.38 21.24
C LEU A 367 26.21 18.32 22.59
N THR A 368 27.41 18.92 22.69
CA THR A 368 28.13 18.93 23.96
C THR A 368 27.30 19.62 25.04
N THR A 369 26.63 20.71 24.71
CA THR A 369 25.85 21.44 25.71
C THR A 369 24.69 20.59 26.22
N CYS A 370 23.92 19.99 25.31
CA CYS A 370 22.82 19.11 25.75
C CYS A 370 23.33 18.03 26.68
N ARG A 371 24.50 17.46 26.37
CA ARG A 371 25.00 16.35 27.15
C ARG A 371 25.51 16.83 28.51
N LYS A 372 26.13 18.00 28.56
CA LYS A 372 26.53 18.56 29.83
C LYS A 372 25.34 18.87 30.73
N GLU A 373 24.17 19.09 30.14
CA GLU A 373 22.95 19.33 30.91
C GLU A 373 22.20 18.04 31.21
N GLY A 374 22.77 16.89 30.90
CA GLY A 374 22.17 15.61 31.23
C GLY A 374 21.35 14.96 30.13
N GLY A 375 21.34 15.53 28.94
CA GLY A 375 20.52 14.99 27.86
C GLY A 375 21.34 14.81 26.60
N ASP A 376 20.71 15.14 25.47
CA ASP A 376 21.32 14.96 24.17
C ASP A 376 20.48 15.77 23.19
N LEU A 377 21.02 16.03 22.01
CA LEU A 377 20.18 16.54 20.94
C LEU A 377 18.99 15.59 20.77
N THR A 378 17.81 16.16 20.55
CA THR A 378 16.61 15.34 20.57
C THR A 378 16.60 14.35 19.42
N SER A 379 16.19 13.13 19.73
CA SER A 379 15.63 12.21 18.76
C SER A 379 14.13 12.43 18.70
N ILE A 380 13.54 11.98 17.59
CA ILE A 380 12.09 12.13 17.34
C ILE A 380 11.62 10.85 16.68
N HIS A 381 10.69 10.15 17.34
CA HIS A 381 10.29 8.81 16.94
C HIS A 381 8.84 8.70 16.51
N THR A 382 8.04 9.74 16.68
CA THR A 382 6.63 9.72 16.29
C THR A 382 6.22 11.12 15.85
N ILE A 383 5.13 11.16 15.07
CA ILE A 383 4.54 12.43 14.69
C ILE A 383 3.99 13.17 15.90
N GLU A 384 3.52 12.45 16.92
CA GLU A 384 3.02 13.12 18.11
C GLU A 384 4.16 13.82 18.86
N GLU A 385 5.33 13.20 18.90
CA GLU A 385 6.48 13.84 19.53
C GLU A 385 6.90 15.07 18.75
N LEU A 386 6.94 14.96 17.42
CA LEU A 386 7.17 16.13 16.58
C LEU A 386 6.15 17.22 16.84
N ASP A 387 4.87 16.85 16.94
CA ASP A 387 3.84 17.88 17.13
C ASP A 387 3.94 18.55 18.48
N PHE A 388 4.34 17.82 19.52
CA PHE A 388 4.60 18.45 20.80
C PHE A 388 5.66 19.54 20.67
N ILE A 389 6.77 19.22 20.00
CA ILE A 389 7.86 20.18 19.85
C ILE A 389 7.35 21.44 19.16
N ILE A 390 6.64 21.29 18.04
CA ILE A 390 6.30 22.50 17.27
C ILE A 390 5.14 23.27 17.91
N SER A 391 4.20 22.57 18.55
CA SER A 391 2.98 23.23 18.99
C SER A 391 3.05 23.74 20.43
N GLN A 392 3.94 23.19 21.26
CA GLN A 392 3.91 23.50 22.68
C GLN A 392 5.25 23.96 23.22
N LEU A 393 6.34 23.46 22.65
CA LEU A 393 7.63 23.64 23.31
C LEU A 393 8.20 25.04 23.15
N GLY A 394 7.73 25.81 22.17
CA GLY A 394 8.26 27.15 21.94
C GLY A 394 8.84 27.37 20.56
N TYR A 395 8.58 26.41 19.66
CA TYR A 395 9.03 26.49 18.27
C TYR A 395 8.20 27.51 17.50
N GLU A 396 8.85 28.26 16.61
CA GLU A 396 8.15 29.16 15.72
C GLU A 396 8.43 28.79 14.27
N PRO A 397 7.50 29.09 13.34
CA PRO A 397 7.60 28.52 11.98
C PRO A 397 8.90 28.84 11.26
N ASN A 398 9.47 30.02 11.48
CA ASN A 398 10.69 30.40 10.80
C ASN A 398 11.94 30.00 11.56
N ASP A 399 11.81 29.16 12.58
CA ASP A 399 12.98 28.63 13.27
C ASP A 399 13.76 27.68 12.38
N GLU A 400 15.03 27.49 12.74
CA GLU A 400 15.86 26.42 12.18
C GLU A 400 16.75 25.96 13.34
N LEU A 401 16.52 24.73 13.80
CA LEU A 401 17.13 24.25 15.05
C LEU A 401 17.70 22.86 14.86
N TRP A 402 18.88 22.64 15.45
CA TRP A 402 19.52 21.33 15.39
C TRP A 402 18.66 20.27 16.07
N ILE A 403 18.55 19.11 15.43
CA ILE A 403 18.13 17.89 16.12
C ILE A 403 19.29 16.90 16.03
N GLY A 404 19.12 15.68 16.54
CA GLY A 404 20.23 14.77 16.71
C GLY A 404 20.59 13.88 15.53
N LEU A 405 19.84 13.94 14.44
CA LEU A 405 20.06 13.07 13.29
C LEU A 405 21.27 13.52 12.50
N ASN A 406 22.10 12.56 12.10
CA ASN A 406 23.35 12.87 11.42
C ASN A 406 23.93 11.60 10.80
N ASP A 407 24.78 11.78 9.79
CA ASP A 407 25.50 10.65 9.19
C ASP A 407 27.01 10.86 9.28
N ILE A 408 27.45 11.42 10.41
CA ILE A 408 28.88 11.68 10.61
C ILE A 408 29.65 10.37 10.76
N LYS A 409 29.09 9.40 11.48
CA LYS A 409 29.84 8.16 11.71
C LYS A 409 29.93 7.31 10.45
N ILE A 410 28.82 7.15 9.72
CA ILE A 410 28.78 6.35 8.51
C ILE A 410 28.08 7.18 7.44
N GLN A 411 28.85 7.67 6.47
CA GLN A 411 28.28 8.47 5.39
C GLN A 411 27.17 7.70 4.70
N MET A 412 26.07 8.39 4.42
CA MET A 412 24.85 7.89 3.77
C MET A 412 23.92 7.16 4.75
N TYR A 413 24.29 7.02 6.02
CA TYR A 413 23.52 6.26 7.00
C TYR A 413 23.24 7.16 8.20
N PHE A 414 22.05 7.77 8.22
CA PHE A 414 21.69 8.69 9.29
C PHE A 414 21.36 7.92 10.57
N GLU A 415 21.89 8.42 11.69
CA GLU A 415 21.65 7.87 13.03
C GLU A 415 21.34 9.01 14.00
N TRP A 416 20.72 8.66 15.13
CA TRP A 416 20.48 9.63 16.20
C TRP A 416 21.70 9.71 17.10
N SER A 417 22.12 10.94 17.43
CA SER A 417 23.25 11.10 18.33
C SER A 417 23.04 10.38 19.65
N ASP A 418 21.78 10.24 20.11
CA ASP A 418 21.54 9.57 21.38
C ASP A 418 21.56 8.06 21.26
N GLY A 419 21.81 7.52 20.06
CA GLY A 419 21.96 6.09 19.90
C GLY A 419 20.67 5.30 19.80
N THR A 420 19.51 5.95 19.93
CA THR A 420 18.26 5.22 19.79
C THR A 420 18.03 4.88 18.31
N PRO A 421 17.34 3.78 18.02
CA PRO A 421 17.12 3.41 16.61
C PRO A 421 16.37 4.48 15.84
N VAL A 422 16.72 4.63 14.57
CA VAL A 422 15.98 5.50 13.67
C VAL A 422 14.79 4.73 13.14
N THR A 423 13.59 5.09 13.58
CA THR A 423 12.38 4.41 13.15
C THR A 423 11.38 5.35 12.50
N PHE A 424 11.75 6.61 12.32
CA PHE A 424 10.80 7.63 11.89
C PHE A 424 11.58 8.81 11.33
N THR A 425 11.22 9.24 10.12
CA THR A 425 11.75 10.46 9.53
C THR A 425 10.62 11.28 8.96
N LYS A 426 10.76 12.60 9.04
CA LYS A 426 9.78 13.52 8.46
C LYS A 426 10.59 14.63 7.77
N TRP A 427 10.92 14.40 6.51
CA TRP A 427 11.78 15.30 5.75
C TRP A 427 10.96 16.39 5.07
N LEU A 428 11.54 17.59 5.02
CA LEU A 428 10.99 18.66 4.19
C LEU A 428 10.92 18.23 2.73
N ARG A 429 10.04 18.88 1.99
CA ARG A 429 10.05 18.74 0.54
C ARG A 429 11.45 18.98 0.00
N GLY A 430 11.92 18.07 -0.84
CA GLY A 430 13.24 18.19 -1.40
C GLY A 430 14.36 17.68 -0.52
N GLU A 431 14.04 17.18 0.67
CA GLU A 431 15.06 16.72 1.60
C GLU A 431 14.92 15.21 1.84
N PRO A 432 15.98 14.56 2.32
CA PRO A 432 17.32 15.12 2.46
C PRO A 432 17.94 15.37 1.09
N SER A 433 18.57 16.54 0.91
CA SER A 433 19.20 16.87 -0.37
C SER A 433 20.56 16.19 -0.49
N HIS A 434 21.34 16.20 0.58
CA HIS A 434 22.63 15.52 0.65
C HIS A 434 23.41 15.66 -0.66
N GLU A 435 23.63 16.91 -1.05
CA GLU A 435 24.27 17.21 -2.32
C GLU A 435 25.76 16.89 -2.26
N ASN A 436 26.29 16.38 -3.38
CA ASN A 436 27.71 16.04 -3.46
C ASN A 436 28.58 17.24 -3.08
N ASN A 437 29.54 16.99 -2.19
CA ASN A 437 30.55 17.94 -1.76
C ASN A 437 30.02 19.07 -0.88
N ARG A 438 28.74 19.05 -0.50
CA ARG A 438 28.21 20.05 0.41
C ARG A 438 28.23 19.60 1.87
N GLN A 439 28.60 18.34 2.13
CA GLN A 439 28.81 17.85 3.48
C GLN A 439 27.59 18.09 4.38
N GLU A 440 26.41 17.80 3.84
CA GLU A 440 25.15 17.98 4.57
C GLU A 440 24.94 16.80 5.53
N ASP A 441 25.76 16.76 6.58
CA ASP A 441 25.80 15.59 7.44
C ASP A 441 25.05 15.76 8.76
N CYS A 442 24.53 16.95 9.03
CA CYS A 442 23.72 17.21 10.21
C CYS A 442 22.31 17.57 9.76
N VAL A 443 21.40 17.71 10.73
CA VAL A 443 19.97 17.80 10.43
C VAL A 443 19.31 18.83 11.34
N VAL A 444 18.42 19.62 10.76
CA VAL A 444 17.66 20.63 11.48
C VAL A 444 16.16 20.40 11.29
N MET A 445 15.40 20.91 12.25
CA MET A 445 13.98 21.16 12.08
C MET A 445 13.80 22.58 11.58
N LYS A 446 12.96 22.76 10.56
CA LYS A 446 12.71 24.12 10.11
C LYS A 446 11.39 24.19 9.36
N GLY A 447 10.82 25.39 9.33
CA GLY A 447 9.55 25.61 8.69
C GLY A 447 8.38 25.30 9.60
N LYS A 448 7.19 25.70 9.13
CA LYS A 448 6.00 25.69 9.96
C LYS A 448 5.60 24.30 10.41
N ASP A 449 6.00 23.26 9.68
CA ASP A 449 5.59 21.90 10.01
C ASP A 449 6.61 21.15 10.86
N GLY A 450 7.76 21.76 11.15
CA GLY A 450 8.80 21.06 11.87
C GLY A 450 9.43 19.92 11.10
N TYR A 451 9.35 19.95 9.78
CA TYR A 451 9.98 18.92 8.96
C TYR A 451 11.49 19.17 8.89
N TRP A 452 12.22 18.16 8.42
CA TRP A 452 13.67 18.11 8.63
C TRP A 452 14.43 18.33 7.33
N ALA A 453 15.64 18.86 7.47
CA ALA A 453 16.54 19.08 6.35
C ALA A 453 17.96 18.72 6.76
N ASP A 454 18.71 18.09 5.86
CA ASP A 454 20.12 17.98 6.17
C ASP A 454 20.83 19.27 5.77
N ARG A 455 21.98 19.52 6.37
CA ARG A 455 22.73 20.75 6.12
C ARG A 455 24.14 20.59 6.66
N GLY A 456 25.00 21.54 6.30
CA GLY A 456 26.34 21.56 6.84
C GLY A 456 26.33 21.76 8.34
N CYS A 457 27.29 21.11 9.01
CA CYS A 457 27.32 21.07 10.47
C CYS A 457 27.96 22.30 11.10
N GLU A 458 28.71 23.10 10.34
CA GLU A 458 29.52 24.18 10.89
C GLU A 458 28.81 25.53 10.81
N TRP A 459 27.59 25.61 11.30
CA TRP A 459 26.83 26.85 11.24
C TRP A 459 26.16 27.05 12.61
N PRO A 460 26.22 28.25 13.20
CA PRO A 460 25.60 28.44 14.52
C PRO A 460 24.08 28.49 14.44
N LEU A 461 23.42 27.65 15.23
CA LEU A 461 21.98 27.61 15.30
C LEU A 461 21.53 27.35 16.72
N GLY A 462 20.26 27.66 17.01
CA GLY A 462 19.61 27.11 18.17
C GLY A 462 19.41 25.61 18.00
N TYR A 463 18.89 24.98 19.05
CA TYR A 463 18.84 23.52 19.06
C TYR A 463 17.88 23.04 20.15
N ILE A 464 17.54 21.75 20.05
CA ILE A 464 16.53 21.12 20.88
C ILE A 464 17.19 19.95 21.60
N CYS A 465 17.10 19.95 22.93
CA CYS A 465 17.65 18.87 23.75
C CYS A 465 16.51 18.02 24.30
N LYS A 466 16.84 16.77 24.61
CA LYS A 466 15.91 15.80 25.17
C LYS A 466 16.63 15.01 26.25
N MET A 467 15.87 14.58 27.26
CA MET A 467 16.38 13.65 28.27
C MET A 467 15.23 12.78 28.75
N LYS A 468 15.57 11.64 29.36
CA LYS A 468 14.58 10.83 30.05
C LYS A 468 14.25 11.47 31.39
N SER A 469 12.97 11.44 31.76
CA SER A 469 12.55 12.07 33.03
C SER A 469 13.27 11.43 34.21
CA CA B . 19.68 19.94 2.73
#